data_3MQZ
#
_entry.id   3MQZ
#
_cell.length_a   35.967
_cell.length_b   62.862
_cell.length_c   81.839
_cell.angle_alpha   90.00
_cell.angle_beta   90.00
_cell.angle_gamma   90.00
#
_symmetry.space_group_name_H-M   'P 21 21 21'
#
loop_
_entity.id
_entity.type
_entity.pdbx_description
1 polymer 'uncharacterized Conserved Protein DUF1054'
2 non-polymer 'CHLORIDE ION'
3 non-polymer GLYCEROL
4 water water
#
_entity_poly.entity_id   1
_entity_poly.type   'polypeptide(L)'
_entity_poly.pdbx_seq_one_letter_code
;SNA(MSE)SVQTIERLQDYLLPEWVSIFDIADFSGR(MSE)LRIRGDIRPALLRLASRLAELLNESPGPRPWYPHVASH
(MSE)RRRVNPPPETWLALGPEKRGYKSYAHSGVFIGGRGLSVRFILKDEAIEERKNLGRW(MSE)SRSGPAFEQWKKKV
GDLRDFGPVHDDP(MSE)ADPPKVEWDPRVFGERLGSLKSASLDIGFRVTFDTSLAGIVKTIRTFDLLYAEAEKGS
;
_entity_poly.pdbx_strand_id   A
#
loop_
_chem_comp.id
_chem_comp.type
_chem_comp.name
_chem_comp.formula
CL non-polymer 'CHLORIDE ION' 'Cl -1'
GOL non-polymer GLYCEROL 'C3 H8 O3'
#
# COMPACT_ATOMS: atom_id res chain seq x y z
N ILE A 9 -14.62 12.45 15.82
CA ILE A 9 -14.12 11.27 15.10
C ILE A 9 -12.97 11.62 14.14
N GLU A 10 -11.79 11.05 14.37
N GLU A 10 -11.78 11.07 14.37
CA GLU A 10 -10.64 11.31 13.50
CA GLU A 10 -10.65 11.34 13.49
C GLU A 10 -10.87 10.69 12.12
C GLU A 10 -10.87 10.71 12.12
N ARG A 11 -10.63 11.48 11.07
CA ARG A 11 -10.81 11.01 9.70
C ARG A 11 -9.56 11.25 8.85
N LEU A 12 -9.45 10.57 7.71
CA LEU A 12 -8.28 10.76 6.86
C LEU A 12 -8.11 12.22 6.44
N GLN A 13 -9.22 12.88 6.14
CA GLN A 13 -9.17 14.27 5.67
C GLN A 13 -8.64 15.27 6.71
N ASP A 14 -8.57 14.87 7.99
CA ASP A 14 -7.96 15.74 9.00
C ASP A 14 -6.45 15.86 8.77
N TYR A 15 -5.90 14.92 8.00
CA TYR A 15 -4.47 14.88 7.67
C TYR A 15 -4.24 15.20 6.21
N LEU A 16 -4.98 14.53 5.33
CA LEU A 16 -4.78 14.65 3.89
C LEU A 16 -5.97 15.42 3.34
N LEU A 17 -5.74 16.64 2.90
N LEU A 17 -5.73 16.64 2.89
CA LEU A 17 -6.84 17.48 2.47
CA LEU A 17 -6.81 17.51 2.44
C LEU A 17 -7.39 17.01 1.15
C LEU A 17 -7.39 17.01 1.12
N PRO A 18 -8.73 16.96 1.02
CA PRO A 18 -9.34 16.47 -0.23
C PRO A 18 -8.84 17.20 -1.48
N GLU A 19 -8.61 18.51 -1.36
CA GLU A 19 -8.18 19.29 -2.50
C GLU A 19 -6.76 18.96 -2.99
N TRP A 20 -6.00 18.25 -2.17
CA TRP A 20 -4.64 17.90 -2.55
C TRP A 20 -4.58 16.96 -3.75
N VAL A 21 -5.69 16.34 -4.12
CA VAL A 21 -5.67 15.57 -5.36
C VAL A 21 -5.20 16.40 -6.56
N SER A 22 -5.47 17.71 -6.54
N SER A 22 -5.46 17.71 -6.51
CA SER A 22 -5.10 18.54 -7.67
CA SER A 22 -5.10 18.62 -7.59
C SER A 22 -3.58 18.81 -7.77
C SER A 22 -3.59 18.78 -7.78
N ILE A 23 -2.82 18.49 -6.73
CA ILE A 23 -1.37 18.51 -6.82
C ILE A 23 -0.92 17.59 -7.97
N PHE A 24 -1.64 16.50 -8.17
CA PHE A 24 -1.28 15.50 -9.16
C PHE A 24 -1.67 15.88 -10.58
N ASP A 25 -2.31 17.05 -10.72
CA ASP A 25 -2.56 17.66 -12.03
C ASP A 25 -1.39 18.54 -12.49
N ILE A 26 -0.39 18.76 -11.62
CA ILE A 26 0.79 19.50 -12.00
C ILE A 26 1.69 18.55 -12.80
N ALA A 27 1.89 18.82 -14.09
CA ALA A 27 2.58 17.87 -14.96
C ALA A 27 4.09 17.89 -14.79
N ASP A 28 4.65 19.03 -14.40
CA ASP A 28 6.10 19.15 -14.34
C ASP A 28 6.67 18.61 -13.05
N PHE A 29 7.87 18.05 -13.16
CA PHE A 29 8.51 17.39 -12.03
C PHE A 29 8.70 18.32 -10.81
N SER A 30 9.37 19.44 -11.03
N SER A 30 9.38 19.44 -11.01
CA SER A 30 9.74 20.30 -9.91
CA SER A 30 9.75 20.26 -9.86
C SER A 30 8.52 20.84 -9.20
C SER A 30 8.53 20.89 -9.19
N GLY A 31 7.54 21.29 -9.98
CA GLY A 31 6.34 21.86 -9.41
C GLY A 31 5.57 20.85 -8.58
N ARG A 32 5.44 19.63 -9.08
CA ARG A 32 4.69 18.63 -8.30
C ARG A 32 5.48 18.20 -7.06
N MSE A 33 6.78 17.98 -7.23
CA MSE A 33 7.60 17.56 -6.11
C MSE A 33 7.62 18.58 -4.98
O MSE A 33 7.66 18.19 -3.80
CB MSE A 33 9.03 17.31 -6.55
CG MSE A 33 9.24 15.99 -7.18
SE MSE A 33 9.00 14.43 -6.03
CE MSE A 33 9.17 15.06 -4.20
N LEU A 34 7.63 19.86 -5.31
CA LEU A 34 7.60 20.88 -4.28
C LEU A 34 6.41 20.69 -3.35
N ARG A 35 5.24 20.39 -3.93
CA ARG A 35 4.03 20.23 -3.14
C ARG A 35 3.98 18.90 -2.41
N ILE A 36 4.45 17.83 -3.08
CA ILE A 36 4.48 16.52 -2.45
C ILE A 36 5.39 16.53 -1.22
N ARG A 37 6.56 17.13 -1.37
CA ARG A 37 7.55 17.15 -0.30
C ARG A 37 7.22 18.19 0.75
N GLY A 38 6.68 19.34 0.31
CA GLY A 38 6.45 20.44 1.22
C GLY A 38 5.16 20.35 2.02
N ASP A 39 4.08 19.92 1.37
CA ASP A 39 2.77 19.91 1.99
C ASP A 39 2.30 18.49 2.37
N ILE A 40 2.45 17.54 1.46
CA ILE A 40 1.86 16.23 1.73
C ILE A 40 2.73 15.43 2.70
N ARG A 41 4.04 15.47 2.52
CA ARG A 41 4.93 14.66 3.35
C ARG A 41 4.73 14.89 4.87
N PRO A 42 4.73 16.14 5.36
CA PRO A 42 4.58 16.31 6.81
C PRO A 42 3.27 15.70 7.32
N ALA A 43 2.21 15.79 6.52
CA ALA A 43 0.90 15.26 6.87
C ALA A 43 0.93 13.73 6.89
N LEU A 44 1.58 13.12 5.90
CA LEU A 44 1.72 11.67 5.88
C LEU A 44 2.53 11.19 7.08
N LEU A 45 3.55 11.94 7.48
CA LEU A 45 4.33 11.51 8.66
C LEU A 45 3.45 11.51 9.92
N ARG A 46 2.65 12.54 10.10
N ARG A 46 2.65 12.56 10.09
CA ARG A 46 1.79 12.59 11.28
CA ARG A 46 1.75 12.65 11.22
C ARG A 46 0.71 11.51 11.20
C ARG A 46 0.76 11.49 11.18
N LEU A 47 0.18 11.28 10.00
CA LEU A 47 -0.83 10.23 9.85
C LEU A 47 -0.23 8.84 10.09
N ALA A 48 0.97 8.62 9.58
CA ALA A 48 1.62 7.32 9.74
C ALA A 48 1.85 7.01 11.23
N SER A 49 2.31 8.01 11.98
N SER A 49 2.33 8.02 11.95
CA SER A 49 2.55 7.80 13.41
CA SER A 49 2.55 7.87 13.38
C SER A 49 1.24 7.58 14.16
C SER A 49 1.23 7.52 14.06
N ARG A 50 0.17 8.25 13.74
CA ARG A 50 -1.12 8.02 14.40
C ARG A 50 -1.68 6.63 14.08
N LEU A 51 -1.60 6.23 12.79
CA LEU A 51 -2.07 4.90 12.43
C LEU A 51 -1.27 3.82 13.14
N ALA A 52 0.04 3.96 13.24
CA ALA A 52 0.86 2.98 13.92
C ALA A 52 0.45 2.89 15.40
N GLU A 53 0.22 4.03 16.06
N GLU A 53 0.20 4.03 16.03
CA GLU A 53 -0.24 4.02 17.47
CA GLU A 53 -0.24 4.04 17.43
C GLU A 53 -1.55 3.23 17.57
C GLU A 53 -1.55 3.28 17.58
N LEU A 54 -2.50 3.53 16.68
CA LEU A 54 -3.82 2.87 16.75
C LEU A 54 -3.69 1.38 16.46
N LEU A 55 -2.87 1.01 15.49
CA LEU A 55 -2.70 -0.41 15.20
C LEU A 55 -2.12 -1.13 16.40
N ASN A 56 -1.09 -0.52 17.00
CA ASN A 56 -0.36 -1.14 18.09
C ASN A 56 -1.15 -1.21 19.39
N GLU A 57 -2.31 -0.55 19.45
CA GLU A 57 -3.23 -0.73 20.59
C GLU A 57 -3.75 -2.16 20.70
N SER A 58 -3.74 -2.89 19.59
N SER A 58 -3.72 -2.89 19.59
CA SER A 58 -4.16 -4.28 19.62
CA SER A 58 -4.22 -4.27 19.55
C SER A 58 -3.18 -5.03 18.75
C SER A 58 -3.23 -5.11 18.74
N PRO A 59 -2.14 -5.55 19.37
CA PRO A 59 -1.07 -6.20 18.60
C PRO A 59 -1.57 -7.31 17.69
N GLY A 60 -0.95 -7.39 16.51
CA GLY A 60 -1.26 -8.42 15.53
C GLY A 60 -0.09 -9.36 15.37
N PRO A 61 -0.09 -10.15 14.29
CA PRO A 61 0.97 -11.15 14.10
C PRO A 61 2.36 -10.57 13.83
N ARG A 62 2.44 -9.33 13.33
CA ARG A 62 3.73 -8.66 13.09
C ARG A 62 3.65 -7.23 13.59
N PRO A 63 4.81 -6.62 13.87
CA PRO A 63 4.80 -5.21 14.25
C PRO A 63 4.37 -4.28 13.11
N TRP A 64 3.95 -3.07 13.47
CA TRP A 64 3.78 -2.00 12.50
C TRP A 64 4.60 -0.80 12.92
N TYR A 65 5.51 -0.38 12.02
CA TYR A 65 6.32 0.83 12.20
C TYR A 65 6.00 1.77 11.05
N PRO A 66 5.97 3.09 11.34
CA PRO A 66 5.61 4.07 10.31
C PRO A 66 6.76 4.48 9.42
N HIS A 67 6.45 4.73 8.14
CA HIS A 67 7.41 5.23 7.17
C HIS A 67 6.66 6.12 6.20
N VAL A 68 7.39 6.99 5.52
N VAL A 68 7.37 7.05 5.58
CA VAL A 68 6.80 7.83 4.47
CA VAL A 68 6.80 7.78 4.45
C VAL A 68 7.67 7.76 3.24
C VAL A 68 7.66 7.57 3.22
N ALA A 69 7.04 7.71 2.06
CA ALA A 69 7.77 7.66 0.81
C ALA A 69 8.84 8.74 0.76
N SER A 70 10.05 8.39 0.36
N SER A 70 10.05 8.36 0.39
CA SER A 70 11.14 9.39 0.33
CA SER A 70 11.05 9.33 0.00
C SER A 70 11.25 10.15 -0.99
C SER A 70 11.18 9.14 -1.50
N HIS A 71 10.80 9.53 -2.08
N HIS A 71 10.84 10.16 -2.26
CA HIS A 71 10.92 10.12 -3.42
CA HIS A 71 10.92 10.05 -3.70
C HIS A 71 12.34 10.63 -3.71
C HIS A 71 12.35 10.35 -4.13
N MSE A 72 13.31 9.79 -3.42
CA MSE A 72 14.71 10.11 -3.69
C MSE A 72 15.19 9.51 -5.00
O MSE A 72 16.32 9.73 -5.41
CB MSE A 72 15.61 9.66 -2.53
CG MSE A 72 15.74 8.16 -2.37
SE MSE A 72 17.06 7.72 -1.02
CE MSE A 72 16.03 8.13 0.57
N ARG A 73 14.33 8.73 -5.66
N ARG A 73 14.34 8.73 -5.66
CA ARG A 73 14.72 8.00 -6.87
CA ARG A 73 14.73 8.02 -6.88
C ARG A 73 14.25 8.66 -8.16
C ARG A 73 14.30 8.75 -8.16
N ARG A 74 13.17 9.43 -8.10
CA ARG A 74 12.63 10.08 -9.32
C ARG A 74 13.41 11.31 -9.77
N ARG A 75 13.40 11.55 -11.07
N ARG A 75 13.41 11.54 -11.07
CA ARG A 75 14.23 12.61 -11.63
CA ARG A 75 14.27 12.55 -11.67
C ARG A 75 13.48 13.42 -12.67
C ARG A 75 13.52 13.39 -12.69
N VAL A 76 12.70 12.73 -13.49
CA VAL A 76 12.11 13.33 -14.66
C VAL A 76 10.60 13.29 -14.63
N ASN A 77 10.05 12.16 -14.19
CA ASN A 77 8.61 11.99 -14.17
C ASN A 77 8.13 12.12 -12.74
N PRO A 78 7.26 13.10 -12.46
CA PRO A 78 6.89 13.24 -11.06
C PRO A 78 6.10 12.04 -10.57
N PRO A 79 6.15 11.78 -9.26
CA PRO A 79 5.42 10.63 -8.73
C PRO A 79 3.93 10.75 -9.00
N PRO A 80 3.27 9.70 -9.55
CA PRO A 80 1.82 9.74 -9.70
C PRO A 80 1.07 9.63 -8.37
N GLU A 81 1.75 9.23 -7.32
CA GLU A 81 1.13 9.13 -6.01
C GLU A 81 2.24 9.20 -4.97
N THR A 82 1.84 9.53 -3.75
CA THR A 82 2.76 9.46 -2.62
C THR A 82 2.05 8.69 -1.50
N TRP A 83 2.79 8.27 -0.47
CA TRP A 83 2.23 7.34 0.49
C TRP A 83 2.97 7.33 1.79
N LEU A 84 2.28 6.80 2.81
CA LEU A 84 2.92 6.28 4.01
C LEU A 84 2.91 4.77 3.91
N ALA A 85 3.86 4.13 4.58
CA ALA A 85 3.93 2.68 4.65
C ALA A 85 3.99 2.25 6.13
N LEU A 86 3.32 1.16 6.45
CA LEU A 86 3.36 0.56 7.77
C LEU A 86 3.94 -0.83 7.59
N GLY A 87 5.10 -1.09 8.16
CA GLY A 87 5.80 -2.34 7.93
C GLY A 87 6.49 -2.84 9.17
N PRO A 88 7.20 -3.97 9.04
CA PRO A 88 7.66 -4.69 10.25
C PRO A 88 9.04 -4.28 10.74
N GLU A 89 9.70 -3.36 10.04
CA GLU A 89 11.03 -2.92 10.41
C GLU A 89 11.04 -1.42 10.74
N LYS A 90 11.87 -1.03 11.69
CA LYS A 90 11.85 0.35 12.16
C LYS A 90 12.40 1.30 11.09
N ARG A 91 13.45 0.88 10.39
CA ARG A 91 14.00 1.72 9.33
C ARG A 91 13.96 0.94 8.04
N GLY A 92 13.42 1.55 7.00
CA GLY A 92 13.29 0.90 5.72
C GLY A 92 12.01 0.08 5.64
N TYR A 93 11.49 -0.06 4.43
CA TYR A 93 10.28 -0.85 4.27
C TYR A 93 10.19 -1.57 2.93
N LYS A 94 10.97 -1.15 1.93
CA LYS A 94 10.78 -1.72 0.60
C LYS A 94 11.13 -3.20 0.46
N SER A 95 11.97 -3.70 1.36
CA SER A 95 12.36 -5.12 1.30
C SER A 95 11.40 -6.07 2.00
N TYR A 96 10.30 -5.56 2.55
CA TYR A 96 9.36 -6.41 3.28
C TYR A 96 7.94 -6.06 2.89
N ALA A 97 7.01 -6.95 3.22
CA ALA A 97 5.59 -6.63 3.09
C ALA A 97 5.27 -5.36 3.88
N HIS A 98 4.32 -4.58 3.37
CA HIS A 98 3.84 -3.42 4.12
C HIS A 98 2.44 -3.10 3.66
N SER A 99 1.70 -2.40 4.52
CA SER A 99 0.48 -1.75 4.09
C SER A 99 0.80 -0.28 3.84
N GLY A 100 0.08 0.34 2.93
CA GLY A 100 0.27 1.75 2.66
C GLY A 100 -1.04 2.49 2.51
N VAL A 101 -0.99 3.78 2.81
CA VAL A 101 -2.09 4.70 2.51
C VAL A 101 -1.53 5.66 1.51
N PHE A 102 -2.19 5.71 0.35
CA PHE A 102 -1.71 6.41 -0.84
C PHE A 102 -2.64 7.57 -1.19
N ILE A 103 -2.06 8.64 -1.71
CA ILE A 103 -2.83 9.73 -2.31
C ILE A 103 -2.25 10.02 -3.69
N GLY A 104 -3.15 10.16 -4.66
CA GLY A 104 -2.80 10.61 -6.00
C GLY A 104 -3.98 11.36 -6.58
N GLY A 105 -3.96 11.58 -7.88
CA GLY A 105 -5.02 12.32 -8.55
C GLY A 105 -6.37 11.64 -8.43
N ARG A 106 -6.38 10.32 -8.23
CA ARG A 106 -7.62 9.54 -8.14
C ARG A 106 -8.19 9.58 -6.71
N GLY A 107 -7.46 10.19 -5.78
CA GLY A 107 -7.88 10.17 -4.38
C GLY A 107 -7.05 9.20 -3.56
N LEU A 108 -7.68 8.60 -2.54
CA LEU A 108 -6.99 7.79 -1.56
C LEU A 108 -7.19 6.30 -1.78
N SER A 109 -6.21 5.53 -1.36
CA SER A 109 -6.32 4.09 -1.39
C SER A 109 -5.50 3.47 -0.27
N VAL A 110 -5.85 2.25 0.10
CA VAL A 110 -5.17 1.51 1.16
C VAL A 110 -4.80 0.18 0.58
N ARG A 111 -3.49 -0.11 0.50
CA ARG A 111 -3.02 -1.28 -0.25
C ARG A 111 -1.99 -2.07 0.54
N PHE A 112 -1.85 -3.33 0.14
CA PHE A 112 -0.89 -4.27 0.68
C PHE A 112 0.14 -4.49 -0.43
N ILE A 113 1.43 -4.29 -0.10
CA ILE A 113 2.49 -4.20 -1.08
C ILE A 113 3.65 -5.16 -0.80
N LEU A 114 4.06 -5.89 -1.85
N LEU A 114 4.10 -5.87 -1.84
CA LEU A 114 5.38 -6.52 -1.89
CA LEU A 114 5.44 -6.49 -1.84
C LEU A 114 6.06 -6.04 -3.16
C LEU A 114 6.17 -6.09 -3.11
N LYS A 115 7.12 -5.27 -3.00
N LYS A 115 7.15 -5.20 -2.97
CA LYS A 115 7.88 -4.77 -4.14
CA LYS A 115 7.95 -4.75 -4.10
C LYS A 115 8.84 -5.84 -4.68
C LYS A 115 8.76 -5.89 -4.72
N ASP A 116 9.29 -5.64 -5.91
CA ASP A 116 10.24 -6.57 -6.50
C ASP A 116 11.45 -6.80 -5.58
N GLU A 117 11.88 -5.78 -4.85
N GLU A 117 11.85 -5.76 -4.86
CA GLU A 117 13.07 -6.00 -4.02
CA GLU A 117 12.97 -5.82 -3.92
C GLU A 117 12.81 -6.76 -2.71
C GLU A 117 12.80 -6.86 -2.82
N ALA A 118 11.55 -7.08 -2.43
CA ALA A 118 11.23 -7.94 -1.29
C ALA A 118 11.26 -9.42 -1.71
N ILE A 119 12.44 -9.88 -2.11
CA ILE A 119 12.59 -11.18 -2.74
C ILE A 119 12.13 -12.33 -1.83
N GLU A 120 12.64 -12.35 -0.61
CA GLU A 120 12.33 -13.44 0.30
C GLU A 120 10.87 -13.41 0.73
N GLU A 121 10.32 -12.23 1.02
CA GLU A 121 8.93 -12.18 1.45
C GLU A 121 7.97 -12.52 0.29
N ARG A 122 8.36 -12.18 -0.94
CA ARG A 122 7.58 -12.63 -2.10
C ARG A 122 7.60 -14.15 -2.25
N LYS A 123 8.75 -14.75 -2.01
N LYS A 123 8.76 -14.75 -2.02
CA LYS A 123 8.81 -16.21 -2.03
CA LYS A 123 8.84 -16.21 -2.02
C LYS A 123 7.87 -16.79 -0.96
C LYS A 123 7.92 -16.80 -0.96
N ASN A 124 7.93 -16.22 0.24
CA ASN A 124 7.08 -16.72 1.33
C ASN A 124 5.60 -16.56 1.01
N LEU A 125 5.17 -15.36 0.63
CA LEU A 125 3.75 -15.14 0.37
C LEU A 125 3.31 -15.92 -0.88
N GLY A 126 4.17 -15.94 -1.91
CA GLY A 126 3.85 -16.67 -3.12
C GLY A 126 3.63 -18.16 -2.85
N ARG A 127 4.47 -18.73 -1.99
N ARG A 127 4.45 -18.73 -1.98
CA ARG A 127 4.29 -20.12 -1.57
CA ARG A 127 4.30 -20.15 -1.60
C ARG A 127 2.95 -20.30 -0.91
C ARG A 127 3.00 -20.38 -0.83
N TRP A 128 2.65 -19.45 0.06
CA TRP A 128 1.38 -19.55 0.76
C TRP A 128 0.20 -19.46 -0.21
N MSE A 129 0.24 -18.47 -1.12
N MSE A 129 0.26 -18.50 -1.13
CA MSE A 129 -0.84 -18.29 -2.09
CA MSE A 129 -0.82 -18.30 -2.08
C MSE A 129 -1.01 -19.52 -2.96
C MSE A 129 -1.02 -19.53 -2.95
O MSE A 129 -2.12 -19.94 -3.26
O MSE A 129 -2.14 -19.91 -3.25
CB MSE A 129 -0.58 -17.06 -2.97
CB MSE A 129 -0.52 -17.09 -2.96
CG MSE A 129 -0.77 -15.74 -2.24
CG MSE A 129 -1.76 -16.51 -3.61
SE MSE A 129 -0.30 -14.22 -3.35
SE MSE A 129 -1.34 -14.83 -4.47
CE MSE A 129 -2.01 -13.90 -4.23
CE MSE A 129 -0.19 -14.08 -3.08
N SER A 130 0.12 -20.09 -3.37
N SER A 130 0.08 -20.15 -3.36
CA SER A 130 0.09 -21.28 -4.20
CA SER A 130 0.01 -21.30 -4.25
C SER A 130 -0.56 -22.45 -3.49
C SER A 130 -0.42 -22.56 -3.52
N ARG A 131 -0.23 -22.59 -2.20
CA ARG A 131 -0.66 -23.74 -1.42
C ARG A 131 -2.05 -23.52 -0.81
N SER A 132 -2.51 -22.28 -0.80
CA SER A 132 -3.72 -21.90 -0.09
C SER A 132 -4.71 -21.09 -0.93
N GLY A 133 -4.87 -21.47 -2.20
CA GLY A 133 -5.78 -20.76 -3.10
C GLY A 133 -7.17 -20.57 -2.53
N PRO A 134 -7.77 -21.65 -2.03
CA PRO A 134 -9.13 -21.53 -1.47
C PRO A 134 -9.20 -20.56 -0.29
N ALA A 135 -8.19 -20.55 0.58
CA ALA A 135 -8.19 -19.59 1.68
C ALA A 135 -8.06 -18.16 1.16
N PHE A 136 -7.26 -17.96 0.12
CA PHE A 136 -7.16 -16.63 -0.48
C PHE A 136 -8.50 -16.19 -1.06
N GLU A 137 -9.16 -17.09 -1.77
CA GLU A 137 -10.47 -16.76 -2.35
C GLU A 137 -11.52 -16.43 -1.28
N GLN A 138 -11.49 -17.16 -0.17
N GLN A 138 -11.44 -17.14 -0.17
CA GLN A 138 -12.39 -16.88 0.94
CA GLN A 138 -12.33 -16.95 0.99
C GLN A 138 -12.12 -15.48 1.47
C GLN A 138 -12.10 -15.59 1.64
N TRP A 139 -10.83 -15.18 1.70
CA TRP A 139 -10.47 -13.87 2.20
C TRP A 139 -10.91 -12.76 1.23
N LYS A 140 -10.65 -12.96 -0.06
CA LYS A 140 -11.04 -11.99 -1.10
C LYS A 140 -12.55 -11.71 -1.05
N LYS A 141 -13.36 -12.76 -0.90
CA LYS A 141 -14.80 -12.59 -0.83
C LYS A 141 -15.18 -11.73 0.35
N LYS A 142 -14.52 -11.97 1.48
N LYS A 142 -14.53 -11.97 1.49
CA LYS A 142 -14.81 -11.26 2.71
CA LYS A 142 -14.83 -11.23 2.72
C LYS A 142 -14.50 -9.76 2.65
C LYS A 142 -14.51 -9.75 2.64
N VAL A 143 -13.38 -9.42 2.03
CA VAL A 143 -12.93 -8.02 1.99
C VAL A 143 -13.59 -7.16 0.92
N GLY A 144 -14.39 -7.78 0.06
CA GLY A 144 -15.16 -6.99 -0.89
C GLY A 144 -14.35 -6.54 -2.10
N ASP A 145 -14.26 -5.23 -2.31
CA ASP A 145 -13.89 -4.68 -3.60
C ASP A 145 -12.37 -4.60 -3.77
N LEU A 146 -11.71 -5.75 -3.72
CA LEU A 146 -10.26 -5.83 -3.81
C LEU A 146 -9.82 -5.54 -5.24
N ARG A 147 -8.94 -4.54 -5.38
CA ARG A 147 -8.41 -4.15 -6.67
C ARG A 147 -6.94 -4.47 -6.80
N ASP A 148 -6.51 -4.68 -8.05
CA ASP A 148 -5.10 -4.87 -8.38
C ASP A 148 -4.59 -3.55 -8.91
N PHE A 149 -3.73 -2.89 -8.14
CA PHE A 149 -3.16 -1.62 -8.57
C PHE A 149 -1.96 -1.80 -9.50
N GLY A 150 -1.42 -3.01 -9.59
CA GLY A 150 -0.31 -3.25 -10.50
C GLY A 150 -0.55 -2.78 -11.93
N PRO A 151 -1.68 -3.16 -12.53
CA PRO A 151 -1.89 -2.83 -13.95
C PRO A 151 -2.11 -1.36 -14.27
N VAL A 152 -2.42 -0.52 -13.27
CA VAL A 152 -2.65 0.89 -13.53
C VAL A 152 -1.49 1.75 -13.06
N HIS A 153 -0.36 1.11 -12.81
N HIS A 153 -0.35 1.12 -12.79
CA HIS A 153 0.85 1.81 -12.39
CA HIS A 153 0.82 1.87 -12.34
C HIS A 153 1.14 2.98 -13.34
C HIS A 153 1.24 2.94 -13.37
N ASP A 154 0.79 2.80 -14.60
CA ASP A 154 1.06 3.80 -15.64
C ASP A 154 -0.16 4.59 -16.07
N ASP A 155 -1.26 4.41 -15.35
N ASP A 155 -1.26 4.41 -15.34
CA ASP A 155 -2.50 5.10 -15.67
CA ASP A 155 -2.52 5.08 -15.66
C ASP A 155 -3.12 5.64 -14.38
C ASP A 155 -3.13 5.64 -14.38
N PRO A 156 -2.61 6.78 -13.91
CA PRO A 156 -2.97 7.36 -12.61
C PRO A 156 -4.45 7.67 -12.35
N MSE A 157 -5.22 8.03 -13.37
CA MSE A 157 -6.65 8.29 -13.15
C MSE A 157 -7.53 7.09 -13.47
O MSE A 157 -8.76 7.14 -13.25
CB MSE A 157 -7.13 9.48 -13.99
CG MSE A 157 -6.57 10.85 -13.60
SE MSE A 157 -6.95 11.40 -11.76
CE MSE A 157 -8.89 11.75 -11.84
N ALA A 158 -6.94 6.02 -13.98
CA ALA A 158 -7.73 4.85 -14.38
C ALA A 158 -8.19 4.06 -13.17
N ASP A 159 -9.44 3.62 -13.20
CA ASP A 159 -9.97 2.79 -12.12
C ASP A 159 -9.22 1.45 -12.15
N PRO A 160 -8.52 1.06 -11.05
CA PRO A 160 -7.80 -0.22 -11.08
C PRO A 160 -8.75 -1.40 -11.19
N PRO A 161 -8.34 -2.47 -11.88
CA PRO A 161 -9.26 -3.59 -12.07
C PRO A 161 -9.46 -4.41 -10.79
N LYS A 162 -10.58 -5.11 -10.68
CA LYS A 162 -10.73 -6.09 -9.62
C LYS A 162 -9.73 -7.22 -9.76
N VAL A 163 -9.25 -7.73 -8.64
CA VAL A 163 -8.41 -8.93 -8.63
C VAL A 163 -9.25 -10.11 -9.12
N GLU A 164 -8.84 -10.70 -10.23
N GLU A 164 -8.83 -10.70 -10.23
CA GLU A 164 -9.55 -11.85 -10.80
CA GLU A 164 -9.54 -11.83 -10.81
C GLU A 164 -8.63 -13.01 -11.12
C GLU A 164 -8.61 -12.98 -11.21
N TRP A 165 -7.32 -12.83 -10.96
CA TRP A 165 -6.36 -13.89 -11.27
C TRP A 165 -6.46 -15.08 -10.34
N ASP A 166 -5.91 -16.21 -10.78
CA ASP A 166 -5.82 -17.42 -9.96
C ASP A 166 -4.69 -17.21 -8.97
N PRO A 167 -5.01 -17.19 -7.67
CA PRO A 167 -3.95 -16.94 -6.68
C PRO A 167 -2.85 -18.00 -6.73
N ARG A 168 -3.15 -19.22 -7.14
CA ARG A 168 -2.10 -20.23 -7.21
C ARG A 168 -1.04 -19.90 -8.26
N VAL A 169 -1.46 -19.48 -9.47
CA VAL A 169 -0.49 -19.09 -10.52
C VAL A 169 0.13 -17.74 -10.22
N PHE A 170 -0.66 -16.82 -9.70
CA PHE A 170 -0.11 -15.52 -9.34
C PHE A 170 0.95 -15.74 -8.29
N GLY A 171 0.66 -16.61 -7.31
CA GLY A 171 1.63 -16.92 -6.28
C GLY A 171 2.90 -17.55 -6.81
N GLU A 172 2.76 -18.43 -7.79
N GLU A 172 2.76 -18.45 -7.78
CA GLU A 172 3.94 -19.06 -8.38
CA GLU A 172 3.91 -19.07 -8.43
C GLU A 172 4.85 -18.03 -9.05
C GLU A 172 4.82 -17.97 -8.96
N ARG A 173 4.25 -17.06 -9.73
CA ARG A 173 5.03 -16.00 -10.36
C ARG A 173 5.65 -15.10 -9.32
N LEU A 174 4.84 -14.73 -8.33
CA LEU A 174 5.25 -13.77 -7.33
C LEU A 174 6.47 -14.32 -6.60
N GLY A 175 6.49 -15.62 -6.39
CA GLY A 175 7.56 -16.23 -5.63
C GLY A 175 8.84 -16.43 -6.42
N SER A 176 8.73 -16.62 -7.73
CA SER A 176 9.87 -17.08 -8.53
C SER A 176 10.54 -16.06 -9.46
N LEU A 177 9.85 -15.00 -9.83
CA LEU A 177 10.43 -14.01 -10.74
C LEU A 177 11.03 -12.80 -10.02
N LYS A 178 12.26 -12.44 -10.37
CA LYS A 178 12.94 -11.32 -9.75
C LYS A 178 12.21 -10.00 -9.92
N SER A 179 11.42 -9.86 -10.98
CA SER A 179 10.78 -8.57 -11.23
C SER A 179 9.30 -8.56 -10.82
N ALA A 180 8.80 -9.65 -10.27
CA ALA A 180 7.39 -9.70 -9.85
C ALA A 180 7.12 -8.84 -8.61
N SER A 181 5.85 -8.46 -8.43
CA SER A 181 5.46 -7.62 -7.31
C SER A 181 3.96 -7.79 -7.04
N LEU A 182 3.54 -7.32 -5.86
CA LEU A 182 2.13 -7.34 -5.48
C LEU A 182 1.71 -5.96 -5.00
N ASP A 183 0.54 -5.51 -5.44
CA ASP A 183 0.00 -4.23 -4.97
C ASP A 183 -1.52 -4.32 -5.09
N ILE A 184 -2.16 -4.71 -3.99
CA ILE A 184 -3.60 -4.95 -4.03
C ILE A 184 -4.28 -4.19 -2.88
N GLY A 185 -5.53 -3.77 -3.07
CA GLY A 185 -6.20 -3.08 -1.99
C GLY A 185 -7.46 -2.37 -2.42
N PHE A 186 -7.74 -1.25 -1.75
CA PHE A 186 -9.07 -0.64 -1.80
C PHE A 186 -8.97 0.85 -2.05
N ARG A 187 -9.88 1.38 -2.86
CA ARG A 187 -10.08 2.82 -2.91
C ARG A 187 -10.91 3.21 -1.70
N VAL A 188 -10.57 4.33 -1.06
CA VAL A 188 -11.32 4.81 0.11
C VAL A 188 -11.60 6.30 -0.02
N THR A 189 -12.64 6.78 0.65
CA THR A 189 -12.99 8.20 0.63
C THR A 189 -12.22 9.00 1.69
N PHE A 190 -12.08 10.29 1.45
CA PHE A 190 -11.38 11.18 2.37
C PHE A 190 -12.03 11.24 3.75
N ASP A 191 -13.35 11.03 3.80
CA ASP A 191 -14.03 11.11 5.09
C ASP A 191 -14.00 9.82 5.91
N THR A 192 -13.24 8.82 5.45
CA THR A 192 -13.20 7.56 6.19
C THR A 192 -12.54 7.76 7.55
N SER A 193 -13.14 7.21 8.59
CA SER A 193 -12.57 7.29 9.93
C SER A 193 -11.21 6.59 10.00
N LEU A 194 -10.30 7.10 10.83
CA LEU A 194 -9.06 6.38 11.08
C LEU A 194 -9.36 5.00 11.66
N ALA A 195 -10.39 4.88 12.51
CA ALA A 195 -10.72 3.59 13.10
C ALA A 195 -11.07 2.58 11.99
N GLY A 196 -11.80 3.02 10.98
CA GLY A 196 -12.13 2.15 9.87
C GLY A 196 -10.91 1.79 9.03
N ILE A 197 -10.03 2.77 8.80
CA ILE A 197 -8.80 2.51 8.06
C ILE A 197 -7.88 1.52 8.79
N VAL A 198 -7.77 1.67 10.11
CA VAL A 198 -7.01 0.72 10.92
C VAL A 198 -7.55 -0.70 10.72
N LYS A 199 -8.87 -0.82 10.76
N LYS A 199 -8.86 -0.86 10.79
CA LYS A 199 -9.56 -2.09 10.57
CA LYS A 199 -9.43 -2.19 10.56
C LYS A 199 -9.29 -2.68 9.17
C LYS A 199 -9.20 -2.70 9.15
N THR A 200 -9.27 -1.81 8.16
CA THR A 200 -8.93 -2.22 6.80
C THR A 200 -7.49 -2.77 6.74
N ILE A 201 -6.55 -2.07 7.36
CA ILE A 201 -5.17 -2.54 7.35
C ILE A 201 -5.07 -3.89 8.05
N ARG A 202 -5.82 -4.08 9.13
CA ARG A 202 -5.81 -5.37 9.83
C ARG A 202 -6.31 -6.49 8.94
N THR A 203 -7.19 -6.19 7.97
CA THR A 203 -7.66 -7.30 7.11
C THR A 203 -6.53 -7.88 6.25
N PHE A 204 -5.42 -7.14 6.12
CA PHE A 204 -4.27 -7.69 5.40
C PHE A 204 -3.42 -8.61 6.27
N ASP A 205 -3.78 -8.80 7.54
CA ASP A 205 -2.90 -9.53 8.47
C ASP A 205 -2.57 -10.94 7.98
N LEU A 206 -3.53 -11.61 7.35
CA LEU A 206 -3.31 -12.96 6.84
C LEU A 206 -2.11 -12.94 5.87
N LEU A 207 -2.11 -11.99 4.93
N LEU A 207 -2.12 -11.99 4.95
CA LEU A 207 -1.03 -11.90 3.96
CA LEU A 207 -1.05 -11.89 3.94
C LEU A 207 0.26 -11.41 4.60
C LEU A 207 0.26 -11.36 4.54
N TYR A 208 0.14 -10.40 5.46
CA TYR A 208 1.28 -9.82 6.14
C TYR A 208 2.03 -10.89 6.94
N ALA A 209 1.29 -11.70 7.68
CA ALA A 209 1.89 -12.76 8.48
C ALA A 209 2.50 -13.86 7.60
N GLU A 210 1.82 -14.25 6.55
CA GLU A 210 2.31 -15.36 5.71
C GLU A 210 3.54 -14.95 4.91
N ALA A 211 3.72 -13.64 4.68
CA ALA A 211 4.92 -13.13 4.00
C ALA A 211 6.18 -13.27 4.83
N GLU A 212 6.03 -13.43 6.14
CA GLU A 212 7.19 -13.40 7.03
C GLU A 212 7.93 -14.71 7.01
N LYS A 213 7.19 -15.80 6.85
CA LYS A 213 7.77 -17.13 6.97
C LYS A 213 7.47 -17.96 5.73
CL CL B . -15.47 5.37 8.54
CL CL C . 13.77 -2.34 3.35
C1 GOL D . -11.65 -2.26 3.32
O1 GOL D . -12.10 -1.33 2.37
C2 GOL D . -12.16 -3.66 2.97
O2 GOL D . -12.64 -3.84 1.64
C3 GOL D . -11.24 -4.79 3.40
O3 GOL D . -11.16 -4.85 4.80
#